data_6IXG
#
_entry.id   6IXG
#
_cell.length_a   79.958
_cell.length_b   79.958
_cell.length_c   94.353
_cell.angle_alpha   90.00
_cell.angle_beta   90.00
_cell.angle_gamma   90.00
#
_symmetry.space_group_name_H-M   'P 41'
#
_entity_poly.entity_id   1
_entity_poly.type   'polypeptide(L)'
_entity_poly.pdbx_seq_one_letter_code
;SHVDPRIQGELEKLNQSTDDINRRETELEDARQKFRSVLVEATVKLDELVKKIGKAVEDSKPYWEARRVARQAQLEAQKA
TQDFQRATEVLRAAKETISLAEQRLLEDDKRQFDSAWQEMLNHATQRVMEAEQTKTRSELVHKETAARYNAAMGRMRQLE
KKLKRAINKSKPYFELKAKYYVQLEQLKKTVDDLQAKLTLAKGEYKMALKNLEMISDEIHEAAASSAM
;
_entity_poly.pdbx_strand_id   A,B
#
# COMPACT_ATOMS: atom_id res chain seq x y z
N VAL A 3 -5.55 -48.33 2.87
CA VAL A 3 -6.03 -48.10 1.52
C VAL A 3 -4.88 -47.60 0.63
N ASP A 4 -4.35 -48.48 -0.21
CA ASP A 4 -3.27 -48.14 -1.14
C ASP A 4 -3.64 -47.03 -2.14
N PRO A 5 -4.86 -47.07 -2.72
CA PRO A 5 -5.20 -45.95 -3.62
C PRO A 5 -5.28 -44.60 -2.91
N ARG A 6 -5.49 -44.60 -1.60
CA ARG A 6 -5.58 -43.38 -0.83
C ARG A 6 -4.24 -42.64 -0.71
N ILE A 7 -3.15 -43.40 -0.61
CA ILE A 7 -1.83 -42.81 -0.38
C ILE A 7 -1.08 -42.39 -1.65
N GLN A 8 -1.15 -43.20 -2.71
CA GLN A 8 -0.40 -42.92 -3.94
C GLN A 8 -0.82 -41.63 -4.63
N GLY A 9 -2.10 -41.26 -4.50
CA GLY A 9 -2.59 -40.02 -5.05
C GLY A 9 -2.00 -38.82 -4.36
N GLU A 10 -1.90 -38.89 -3.03
CA GLU A 10 -1.31 -37.84 -2.22
C GLU A 10 0.19 -37.71 -2.47
N LEU A 11 0.83 -38.83 -2.81
CA LEU A 11 2.26 -38.88 -3.06
C LEU A 11 2.64 -38.08 -4.29
N GLU A 12 1.88 -38.30 -5.36
CA GLU A 12 2.09 -37.60 -6.62
C GLU A 12 2.00 -36.08 -6.44
N LYS A 13 1.07 -35.63 -5.61
CA LYS A 13 0.84 -34.21 -5.39
C LYS A 13 2.03 -33.47 -4.77
N LEU A 14 2.66 -34.08 -3.75
CA LEU A 14 3.75 -33.42 -3.05
C LEU A 14 4.99 -33.29 -3.93
N ASN A 15 5.22 -34.29 -4.79
CA ASN A 15 6.38 -34.25 -5.67
C ASN A 15 6.21 -33.25 -6.82
N GLN A 16 4.97 -32.94 -7.15
CA GLN A 16 4.70 -31.90 -8.15
C GLN A 16 4.91 -30.52 -7.57
N SER A 17 4.69 -30.39 -6.26
CA SER A 17 4.90 -29.13 -5.57
C SER A 17 6.38 -28.80 -5.49
N THR A 18 7.18 -29.81 -5.17
CA THR A 18 8.62 -29.65 -5.02
C THR A 18 9.29 -29.25 -6.34
N ASP A 19 8.68 -29.64 -7.45
CA ASP A 19 9.18 -29.27 -8.76
C ASP A 19 8.85 -27.82 -9.08
N ASP A 20 7.61 -27.43 -8.77
CA ASP A 20 7.14 -26.07 -9.00
C ASP A 20 7.93 -25.08 -8.16
N ILE A 21 8.15 -25.42 -6.90
CA ILE A 21 8.91 -24.57 -5.98
C ILE A 21 10.35 -24.42 -6.46
N ASN A 22 10.97 -25.54 -6.80
CA ASN A 22 12.34 -25.52 -7.31
C ASN A 22 12.46 -24.62 -8.54
N ARG A 23 11.42 -24.60 -9.36
CA ARG A 23 11.37 -23.73 -10.52
C ARG A 23 11.26 -22.27 -10.11
N ARG A 24 10.28 -21.97 -9.26
CA ARG A 24 10.01 -20.60 -8.83
C ARG A 24 11.16 -20.00 -8.03
N GLU A 25 11.93 -20.86 -7.36
CA GLU A 25 13.12 -20.41 -6.64
C GLU A 25 14.14 -19.88 -7.63
N THR A 26 14.29 -20.59 -8.75
CA THR A 26 15.21 -20.20 -9.80
C THR A 26 14.72 -18.96 -10.55
N GLU A 27 13.40 -18.77 -10.58
CA GLU A 27 12.83 -17.60 -11.20
C GLU A 27 13.18 -16.37 -10.37
N LEU A 28 13.24 -16.55 -9.06
CA LEU A 28 13.60 -15.47 -8.15
C LEU A 28 15.10 -15.18 -8.23
N GLU A 29 15.90 -16.24 -8.38
CA GLU A 29 17.36 -16.11 -8.46
C GLU A 29 17.76 -15.20 -9.61
N ASP A 30 17.08 -15.35 -10.74
CA ASP A 30 17.33 -14.50 -11.89
C ASP A 30 16.78 -13.10 -11.64
N ALA A 31 15.70 -13.02 -10.87
CA ALA A 31 15.12 -11.74 -10.50
C ALA A 31 15.95 -11.05 -9.40
N ARG A 32 16.54 -11.84 -8.52
CA ARG A 32 17.41 -11.30 -7.47
C ARG A 32 18.73 -10.76 -8.00
N GLN A 33 19.45 -11.59 -8.73
CA GLN A 33 20.79 -11.22 -9.21
C GLN A 33 20.73 -10.09 -10.22
N LYS A 34 19.65 -10.02 -10.99
CA LYS A 34 19.49 -8.93 -11.96
C LYS A 34 19.26 -7.61 -11.25
N PHE A 35 18.63 -7.67 -10.08
CA PHE A 35 18.44 -6.47 -9.26
C PHE A 35 19.78 -6.07 -8.65
N ARG A 36 20.56 -7.07 -8.26
CA ARG A 36 21.89 -6.85 -7.72
C ARG A 36 22.77 -6.18 -8.79
N SER A 37 22.66 -6.69 -10.01
CA SER A 37 23.45 -6.20 -11.13
C SER A 37 23.10 -4.75 -11.51
N VAL A 38 21.81 -4.49 -11.66
CA VAL A 38 21.33 -3.15 -12.00
C VAL A 38 21.69 -2.14 -10.91
N LEU A 39 21.61 -2.57 -9.66
CA LEU A 39 21.94 -1.69 -8.53
C LEU A 39 23.37 -1.18 -8.57
N VAL A 40 24.33 -2.09 -8.67
CA VAL A 40 25.73 -1.68 -8.67
C VAL A 40 26.04 -0.90 -9.96
N GLU A 41 25.40 -1.29 -11.07
CA GLU A 41 25.58 -0.60 -12.34
C GLU A 41 25.05 0.83 -12.30
N ALA A 42 24.00 1.04 -11.52
CA ALA A 42 23.40 2.35 -11.38
C ALA A 42 24.31 3.32 -10.63
N THR A 43 24.92 2.81 -9.58
CA THR A 43 25.68 3.62 -8.63
C THR A 43 27.06 4.05 -9.11
N VAL A 44 27.66 3.28 -10.01
CA VAL A 44 28.94 3.65 -10.58
C VAL A 44 28.75 4.82 -11.54
N LYS A 45 27.53 4.98 -12.01
CA LYS A 45 27.17 6.08 -12.90
C LYS A 45 26.91 7.35 -12.09
N LEU A 46 26.16 7.21 -11.00
CA LEU A 46 25.83 8.32 -10.12
C LEU A 46 27.05 8.84 -9.35
N ASP A 47 27.94 7.95 -8.98
CA ASP A 47 29.15 8.34 -8.26
C ASP A 47 30.09 9.07 -9.20
N GLU A 48 30.07 8.68 -10.48
CA GLU A 48 30.89 9.31 -11.50
C GLU A 48 30.44 10.75 -11.72
N LEU A 49 29.13 10.96 -11.62
CA LEU A 49 28.55 12.29 -11.76
C LEU A 49 28.95 13.19 -10.59
N VAL A 50 29.06 12.57 -9.41
CA VAL A 50 29.46 13.29 -8.20
C VAL A 50 30.84 13.91 -8.36
N LYS A 51 31.76 13.13 -8.91
CA LYS A 51 33.12 13.60 -9.13
C LYS A 51 33.17 14.73 -10.16
N LYS A 52 32.28 14.64 -11.14
CA LYS A 52 32.15 15.70 -12.15
C LYS A 52 31.68 16.99 -11.49
N ILE A 53 30.52 16.92 -10.83
CA ILE A 53 29.95 18.08 -10.15
C ILE A 53 29.50 17.75 -8.74
N GLY A 54 30.36 18.02 -7.76
CA GLY A 54 30.06 17.69 -6.38
C GLY A 54 29.53 18.82 -5.53
N LYS A 55 30.27 19.93 -5.49
CA LYS A 55 29.94 21.05 -4.61
C LYS A 55 28.60 21.71 -4.94
N ALA A 56 28.28 21.77 -6.23
CA ALA A 56 27.03 22.39 -6.67
C ALA A 56 25.82 21.60 -6.19
N VAL A 57 25.89 20.28 -6.29
CA VAL A 57 24.79 19.42 -5.86
C VAL A 57 24.49 19.62 -4.38
N GLU A 58 25.55 19.71 -3.57
CA GLU A 58 25.41 19.95 -2.14
C GLU A 58 24.72 21.29 -1.87
N ASP A 59 25.14 22.32 -2.60
CA ASP A 59 24.56 23.65 -2.47
C ASP A 59 23.17 23.72 -3.07
N SER A 60 22.84 22.74 -3.90
CA SER A 60 21.54 22.68 -4.58
C SER A 60 20.44 22.11 -3.70
N LYS A 61 20.82 21.20 -2.82
CA LYS A 61 19.89 20.52 -1.91
C LYS A 61 19.02 21.45 -1.04
N PRO A 62 19.53 22.63 -0.63
CA PRO A 62 18.62 23.57 0.04
C PRO A 62 17.38 23.94 -0.79
N TYR A 63 17.50 23.95 -2.11
CA TYR A 63 16.36 24.27 -2.98
C TYR A 63 15.39 23.10 -3.16
N TRP A 64 15.94 21.92 -3.48
CA TRP A 64 15.13 20.75 -3.78
C TRP A 64 14.27 20.33 -2.60
N GLU A 65 14.80 20.50 -1.39
CA GLU A 65 14.04 20.25 -0.18
C GLU A 65 12.93 21.29 -0.06
N ALA A 66 13.23 22.52 -0.46
CA ALA A 66 12.25 23.60 -0.46
C ALA A 66 11.19 23.40 -1.54
N ARG A 67 11.61 22.74 -2.63
CA ARG A 67 10.68 22.40 -3.71
C ARG A 67 9.75 21.29 -3.25
N ARG A 68 10.26 20.41 -2.39
CA ARG A 68 9.45 19.39 -1.75
C ARG A 68 8.41 20.03 -0.85
N VAL A 69 8.82 21.03 -0.07
CA VAL A 69 7.91 21.77 0.79
C VAL A 69 6.84 22.49 -0.03
N ALA A 70 7.24 22.94 -1.22
CA ALA A 70 6.33 23.64 -2.14
C ALA A 70 5.14 22.74 -2.48
N ARG A 71 5.40 21.48 -2.76
CA ARG A 71 4.35 20.51 -3.08
C ARG A 71 3.50 20.20 -1.85
N GLN A 72 4.16 20.12 -0.70
CA GLN A 72 3.49 19.80 0.56
C GLN A 72 2.62 20.97 1.06
N ALA A 73 3.13 22.19 0.94
CA ALA A 73 2.40 23.38 1.34
C ALA A 73 1.18 23.61 0.44
N GLN A 74 1.32 23.23 -0.83
CA GLN A 74 0.22 23.33 -1.79
C GLN A 74 -0.98 22.47 -1.43
N LEU A 75 -0.71 21.21 -1.08
CA LEU A 75 -1.76 20.24 -0.73
C LEU A 75 -2.49 20.59 0.55
N GLU A 76 -1.91 21.51 1.33
CA GLU A 76 -2.56 22.04 2.52
C GLU A 76 -3.69 22.96 2.08
N ALA A 77 -3.41 23.75 1.05
CA ALA A 77 -4.37 24.67 0.46
C ALA A 77 -5.47 23.91 -0.27
N GLN A 78 -5.10 22.83 -0.95
CA GLN A 78 -6.04 21.99 -1.69
C GLN A 78 -7.16 21.44 -0.80
N LYS A 79 -6.85 21.22 0.48
CA LYS A 79 -7.88 20.85 1.44
C LYS A 79 -8.64 22.08 1.91
N ALA A 80 -7.91 23.17 2.08
CA ALA A 80 -8.47 24.42 2.61
C ALA A 80 -9.48 25.04 1.64
N THR A 81 -9.08 25.17 0.39
CA THR A 81 -9.93 25.79 -0.62
C THR A 81 -11.20 24.96 -0.92
N GLN A 82 -11.06 23.64 -0.95
CA GLN A 82 -12.19 22.76 -1.26
C GLN A 82 -13.15 22.57 -0.08
N ASP A 83 -12.62 22.56 1.14
CA ASP A 83 -13.47 22.48 2.34
C ASP A 83 -14.19 23.82 2.56
N PHE A 84 -13.65 24.88 1.97
CA PHE A 84 -14.29 26.19 1.99
C PHE A 84 -15.32 26.34 0.88
N GLN A 85 -15.01 25.77 -0.28
CA GLN A 85 -15.94 25.79 -1.41
C GLN A 85 -17.21 25.02 -1.06
N ARG A 86 -17.05 23.86 -0.42
CA ARG A 86 -18.18 23.07 0.05
C ARG A 86 -19.01 23.84 1.06
N ALA A 87 -18.33 24.58 1.94
CA ALA A 87 -18.99 25.35 2.99
C ALA A 87 -19.82 26.50 2.41
N THR A 88 -19.32 27.12 1.34
CA THR A 88 -20.05 28.19 0.67
C THR A 88 -21.28 27.67 -0.06
N GLU A 89 -21.13 26.50 -0.69
CA GLU A 89 -22.23 25.86 -1.41
C GLU A 89 -23.36 25.43 -0.47
N VAL A 90 -22.99 24.88 0.68
CA VAL A 90 -23.96 24.46 1.68
C VAL A 90 -24.75 25.65 2.19
N LEU A 91 -24.07 26.78 2.37
CA LEU A 91 -24.73 28.01 2.81
C LEU A 91 -25.70 28.53 1.76
N ARG A 92 -25.33 28.41 0.48
CA ARG A 92 -26.16 28.90 -0.61
C ARG A 92 -27.42 28.07 -0.79
N ALA A 93 -27.25 26.74 -0.76
CA ALA A 93 -28.36 25.82 -0.93
C ALA A 93 -29.34 25.95 0.22
N ALA A 94 -28.82 26.31 1.39
CA ALA A 94 -29.65 26.55 2.55
C ALA A 94 -30.27 27.93 2.46
N LYS A 95 -29.54 28.88 1.88
CA LYS A 95 -30.08 30.22 1.65
C LYS A 95 -31.24 30.13 0.67
N GLU A 96 -31.08 29.27 -0.33
CA GLU A 96 -32.12 29.06 -1.34
C GLU A 96 -33.36 28.42 -0.71
N THR A 97 -33.13 27.40 0.11
CA THR A 97 -34.22 26.70 0.78
C THR A 97 -35.00 27.66 1.67
N ILE A 98 -34.28 28.55 2.33
CA ILE A 98 -34.91 29.57 3.17
C ILE A 98 -35.61 30.64 2.32
N SER A 99 -34.89 31.16 1.33
CA SER A 99 -35.42 32.25 0.49
C SER A 99 -36.69 31.88 -0.26
N LEU A 100 -36.76 30.64 -0.76
CA LEU A 100 -37.95 30.19 -1.46
C LEU A 100 -39.07 30.03 -0.45
N ALA A 101 -38.71 29.60 0.76
CA ALA A 101 -39.66 29.48 1.85
C ALA A 101 -40.07 30.86 2.32
N GLU A 102 -39.10 31.79 2.30
CA GLU A 102 -39.34 33.17 2.73
C GLU A 102 -40.40 33.88 1.91
N GLN A 103 -40.50 33.52 0.63
CA GLN A 103 -41.46 34.17 -0.25
C GLN A 103 -42.87 33.79 0.16
N ARG A 104 -43.04 32.51 0.51
CA ARG A 104 -44.31 31.96 0.95
C ARG A 104 -44.51 32.23 2.44
N LEU A 105 -43.48 32.79 3.08
CA LEU A 105 -43.49 33.03 4.52
C LEU A 105 -44.03 34.41 4.86
N LEU A 106 -43.84 35.35 3.94
CA LEU A 106 -44.36 36.71 4.12
C LEU A 106 -45.88 36.71 4.03
N GLU A 107 -46.42 35.87 3.15
CA GLU A 107 -47.86 35.82 2.94
C GLU A 107 -48.60 35.11 4.07
N ASP A 108 -48.17 33.89 4.38
CA ASP A 108 -48.87 33.01 5.33
C ASP A 108 -50.31 32.78 4.88
N ASP A 109 -50.56 32.99 3.59
CA ASP A 109 -51.89 32.89 3.02
C ASP A 109 -52.09 31.52 2.40
N LYS A 110 -50.98 30.81 2.21
CA LYS A 110 -51.02 29.46 1.69
C LYS A 110 -51.90 28.58 2.56
N ARG A 111 -52.85 27.89 1.93
CA ARG A 111 -53.80 27.06 2.67
C ARG A 111 -53.26 25.66 2.86
N GLN A 112 -53.02 24.98 1.74
CA GLN A 112 -52.52 23.62 1.74
C GLN A 112 -51.00 23.63 1.63
N PHE A 113 -50.47 24.77 1.24
CA PHE A 113 -49.04 24.89 0.98
C PHE A 113 -48.23 25.27 2.22
N ASP A 114 -48.83 26.06 3.11
CA ASP A 114 -48.11 26.57 4.28
C ASP A 114 -47.70 25.47 5.25
N SER A 115 -48.57 24.49 5.45
CA SER A 115 -48.27 23.37 6.34
C SER A 115 -47.09 22.57 5.81
N ALA A 116 -47.05 22.36 4.49
CA ALA A 116 -45.96 21.65 3.85
C ALA A 116 -44.64 22.41 3.96
N TRP A 117 -44.73 23.73 3.82
CA TRP A 117 -43.56 24.59 3.81
C TRP A 117 -42.80 24.66 5.13
N GLN A 118 -43.54 24.76 6.23
CA GLN A 118 -42.94 25.08 7.52
C GLN A 118 -41.96 24.03 8.05
N GLU A 119 -42.17 22.76 7.71
CA GLU A 119 -41.19 21.76 8.09
C GLU A 119 -39.89 21.97 7.33
N MET A 120 -40.00 22.39 6.07
CA MET A 120 -38.82 22.65 5.26
C MET A 120 -38.05 23.87 5.77
N LEU A 121 -38.79 24.90 6.17
CA LEU A 121 -38.18 26.12 6.69
C LEU A 121 -37.43 25.88 8.00
N ASN A 122 -38.12 25.27 8.96
CA ASN A 122 -37.55 25.00 10.28
C ASN A 122 -36.28 24.15 10.19
N HIS A 123 -36.23 23.24 9.23
CA HIS A 123 -35.04 22.43 9.02
C HIS A 123 -33.93 23.31 8.46
N ALA A 124 -34.26 24.08 7.42
CA ALA A 124 -33.29 24.96 6.76
C ALA A 124 -32.73 26.00 7.72
N THR A 125 -33.57 26.51 8.63
CA THR A 125 -33.12 27.47 9.62
C THR A 125 -32.22 26.82 10.67
N GLN A 126 -32.41 25.52 10.87
CA GLN A 126 -31.53 24.74 11.73
C GLN A 126 -30.33 24.24 10.95
N ARG A 127 -30.46 24.24 9.63
CA ARG A 127 -29.37 23.86 8.73
C ARG A 127 -28.29 24.94 8.70
N VAL A 128 -28.72 26.20 8.59
CA VAL A 128 -27.79 27.33 8.47
C VAL A 128 -26.99 27.54 9.76
N MET A 129 -27.53 27.05 10.88
CA MET A 129 -26.84 27.16 12.16
C MET A 129 -25.54 26.37 12.10
N GLU A 130 -25.61 25.19 11.50
CA GLU A 130 -24.44 24.35 11.31
C GLU A 130 -23.53 24.82 10.18
N ALA A 131 -24.13 25.39 9.14
CA ALA A 131 -23.39 25.77 7.94
C ALA A 131 -22.46 26.97 8.13
N GLU A 132 -22.96 28.02 8.77
CA GLU A 132 -22.17 29.23 8.99
C GLU A 132 -20.95 28.97 9.87
N GLN A 133 -21.03 27.99 10.74
CA GLN A 133 -19.94 27.69 11.67
C GLN A 133 -18.83 26.94 10.94
N THR A 134 -19.21 25.94 10.15
CA THR A 134 -18.24 25.22 9.34
C THR A 134 -17.69 26.12 8.25
N LYS A 135 -18.48 27.11 7.85
CA LYS A 135 -18.05 28.14 6.90
C LYS A 135 -16.93 28.99 7.48
N THR A 136 -17.18 29.57 8.64
CA THR A 136 -16.21 30.43 9.30
C THR A 136 -14.93 29.65 9.62
N ARG A 137 -15.09 28.39 10.02
CA ARG A 137 -13.94 27.54 10.27
C ARG A 137 -13.13 27.32 8.98
N SER A 138 -13.82 26.99 7.91
CA SER A 138 -13.16 26.68 6.64
C SER A 138 -12.56 27.92 5.97
N GLU A 139 -13.23 29.06 6.12
CA GLU A 139 -12.74 30.29 5.49
C GLU A 139 -11.44 30.77 6.14
N LEU A 140 -11.21 30.35 7.39
CA LEU A 140 -9.98 30.67 8.09
C LEU A 140 -8.87 29.68 7.76
N VAL A 141 -9.25 28.42 7.57
CA VAL A 141 -8.28 27.39 7.16
C VAL A 141 -7.80 27.71 5.76
N HIS A 142 -8.70 28.26 4.96
CA HIS A 142 -8.38 28.76 3.62
C HIS A 142 -7.29 29.83 3.69
N LYS A 143 -7.31 30.60 4.78
CA LYS A 143 -6.35 31.68 4.97
C LYS A 143 -5.00 31.20 5.53
N GLU A 144 -5.03 30.24 6.44
CA GLU A 144 -3.80 29.75 7.06
C GLU A 144 -2.83 29.13 6.07
N THR A 145 -3.33 28.17 5.28
CA THR A 145 -2.50 27.45 4.32
C THR A 145 -2.03 28.35 3.19
N ALA A 146 -2.85 29.32 2.82
CA ALA A 146 -2.57 30.21 1.70
C ALA A 146 -1.25 30.97 1.86
N ALA A 147 -1.02 31.51 3.04
CA ALA A 147 0.19 32.30 3.30
C ALA A 147 1.41 31.40 3.25
N ARG A 148 1.27 30.21 3.83
CA ARG A 148 2.34 29.22 3.85
C ARG A 148 2.66 28.85 2.41
N TYR A 149 1.64 28.85 1.57
CA TYR A 149 1.80 28.53 0.15
C TYR A 149 2.54 29.67 -0.54
N ASN A 150 2.23 30.91 -0.15
CA ASN A 150 2.92 32.08 -0.67
C ASN A 150 4.35 32.20 -0.16
N ALA A 151 4.53 31.88 1.13
CA ALA A 151 5.85 31.89 1.76
C ALA A 151 6.74 30.81 1.19
N ALA A 152 6.15 29.66 0.89
CA ALA A 152 6.91 28.54 0.34
C ALA A 152 7.42 28.89 -1.05
N MET A 153 6.57 29.50 -1.85
CA MET A 153 6.96 29.94 -3.18
C MET A 153 7.96 31.07 -3.07
N GLY A 154 7.67 32.02 -2.18
CA GLY A 154 8.54 33.14 -1.92
C GLY A 154 9.93 32.69 -1.51
N ARG A 155 9.96 31.70 -0.62
CA ARG A 155 11.22 31.08 -0.20
C ARG A 155 11.85 30.27 -1.32
N MET A 156 11.03 29.52 -2.04
CA MET A 156 11.52 28.79 -3.21
C MET A 156 12.07 29.77 -4.23
N ARG A 157 11.32 30.83 -4.50
CA ARG A 157 11.73 31.90 -5.41
C ARG A 157 13.02 32.57 -4.97
N GLN A 158 13.11 32.86 -3.68
CA GLN A 158 14.32 33.44 -3.09
C GLN A 158 15.48 32.46 -3.24
N LEU A 159 15.19 31.18 -3.04
CA LEU A 159 16.20 30.14 -3.18
C LEU A 159 16.36 29.74 -4.65
N GLU A 160 15.38 30.10 -5.48
CA GLU A 160 15.53 29.98 -6.92
C GLU A 160 16.57 30.98 -7.40
N LYS A 161 16.36 32.26 -7.08
CA LYS A 161 17.23 33.32 -7.54
C LYS A 161 18.63 33.21 -6.93
N LYS A 162 18.73 32.61 -5.75
CA LYS A 162 20.00 32.46 -5.08
C LYS A 162 20.60 31.09 -5.39
N LEU A 163 21.89 31.08 -5.68
CA LEU A 163 22.60 29.86 -6.08
C LEU A 163 21.96 29.14 -7.27
N LYS A 164 21.54 29.91 -8.27
CA LYS A 164 21.01 29.37 -9.53
C LYS A 164 22.07 28.45 -10.15
N ARG A 165 23.32 28.90 -10.01
CA ARG A 165 24.47 28.25 -10.59
C ARG A 165 24.57 26.83 -10.03
N ALA A 166 24.34 26.73 -8.72
CA ALA A 166 24.37 25.45 -8.04
C ALA A 166 23.27 24.54 -8.55
N ILE A 167 22.10 25.12 -8.80
CA ILE A 167 20.94 24.35 -9.24
C ILE A 167 21.07 23.90 -10.68
N ASN A 168 21.80 24.69 -11.47
CA ASN A 168 22.00 24.39 -12.87
C ASN A 168 22.88 23.17 -13.07
N LYS A 169 23.94 23.08 -12.26
CA LYS A 169 24.92 22.01 -12.38
C LYS A 169 24.41 20.69 -11.80
N SER A 170 23.47 20.78 -10.86
CA SER A 170 22.92 19.60 -10.18
C SER A 170 21.78 18.97 -10.96
N LYS A 171 21.31 19.67 -11.99
CA LYS A 171 20.19 19.19 -12.80
C LYS A 171 20.37 17.78 -13.38
N PRO A 172 21.53 17.48 -13.98
CA PRO A 172 21.65 16.13 -14.54
C PRO A 172 21.71 15.03 -13.49
N TYR A 173 22.18 15.35 -12.28
CA TYR A 173 22.34 14.36 -11.23
C TYR A 173 20.98 13.81 -10.79
N PHE A 174 20.06 14.70 -10.44
CA PHE A 174 18.74 14.31 -9.98
C PHE A 174 17.93 13.61 -11.07
N GLU A 175 18.31 13.82 -12.32
CA GLU A 175 17.61 13.20 -13.44
C GLU A 175 17.97 11.73 -13.62
N LEU A 176 19.27 11.41 -13.54
CA LEU A 176 19.69 10.01 -13.60
C LEU A 176 19.29 9.33 -12.31
N LYS A 177 19.21 10.11 -11.24
CA LYS A 177 18.67 9.62 -9.99
C LYS A 177 17.21 9.24 -10.14
N ALA A 178 16.48 10.04 -10.91
CA ALA A 178 15.06 9.81 -11.12
C ALA A 178 14.81 8.65 -12.08
N LYS A 179 15.64 8.55 -13.11
CA LYS A 179 15.50 7.47 -14.09
C LYS A 179 15.82 6.11 -13.47
N TYR A 180 16.77 6.07 -12.55
CA TYR A 180 17.10 4.84 -11.85
C TYR A 180 16.09 4.54 -10.75
N TYR A 181 15.61 5.59 -10.10
CA TYR A 181 14.63 5.47 -9.00
C TYR A 181 13.34 4.79 -9.44
N VAL A 182 12.85 5.18 -10.61
CA VAL A 182 11.61 4.62 -11.14
C VAL A 182 11.84 3.19 -11.65
N GLN A 183 13.07 2.90 -12.06
CA GLN A 183 13.43 1.55 -12.50
C GLN A 183 13.49 0.56 -11.35
N LEU A 184 14.06 1.01 -10.23
CA LEU A 184 14.21 0.17 -9.06
C LEU A 184 12.88 -0.14 -8.39
N GLU A 185 12.04 0.89 -8.25
CA GLU A 185 10.72 0.75 -7.64
C GLU A 185 9.88 -0.29 -8.38
N GLN A 186 10.07 -0.36 -9.69
CA GLN A 186 9.41 -1.35 -10.54
C GLN A 186 9.98 -2.76 -10.32
N LEU A 187 11.29 -2.84 -10.14
CA LEU A 187 11.98 -4.11 -9.92
C LEU A 187 11.70 -4.72 -8.55
N LYS A 188 11.74 -3.90 -7.50
CA LYS A 188 11.44 -4.35 -6.14
C LYS A 188 10.09 -5.05 -6.08
N LYS A 189 9.11 -4.45 -6.74
CA LYS A 189 7.75 -5.00 -6.77
C LYS A 189 7.72 -6.33 -7.49
N THR A 190 8.57 -6.50 -8.49
CA THR A 190 8.63 -7.75 -9.23
C THR A 190 9.22 -8.84 -8.35
N VAL A 191 10.20 -8.47 -7.54
CA VAL A 191 10.83 -9.43 -6.63
C VAL A 191 9.92 -9.71 -5.44
N ASP A 192 9.34 -8.64 -4.88
CA ASP A 192 8.49 -8.76 -3.70
C ASP A 192 7.24 -9.59 -3.98
N ASP A 193 6.66 -9.43 -5.16
CA ASP A 193 5.45 -10.16 -5.51
C ASP A 193 5.77 -11.61 -5.83
N LEU A 194 6.95 -11.86 -6.42
CA LEU A 194 7.40 -13.22 -6.65
C LEU A 194 7.72 -13.91 -5.33
N GLN A 195 8.29 -13.16 -4.38
CA GLN A 195 8.58 -13.66 -3.04
C GLN A 195 7.33 -14.10 -2.30
N ALA A 196 6.25 -13.33 -2.48
CA ALA A 196 4.97 -13.66 -1.85
C ALA A 196 4.43 -14.94 -2.46
N LYS A 197 4.55 -15.05 -3.78
CA LYS A 197 4.11 -16.23 -4.51
C LYS A 197 4.92 -17.47 -4.12
N LEU A 198 6.16 -17.25 -3.67
CA LEU A 198 6.98 -18.34 -3.17
C LEU A 198 6.44 -18.91 -1.87
N THR A 199 6.14 -18.03 -0.93
CA THR A 199 5.74 -18.44 0.41
C THR A 199 4.38 -19.13 0.41
N LEU A 200 3.52 -18.77 -0.55
CA LEU A 200 2.24 -19.44 -0.69
C LEU A 200 2.43 -20.85 -1.22
N ALA A 201 3.44 -21.03 -2.06
CA ALA A 201 3.75 -22.34 -2.61
C ALA A 201 4.41 -23.22 -1.56
N LYS A 202 5.39 -22.65 -0.86
CA LYS A 202 6.06 -23.34 0.23
C LYS A 202 5.09 -23.54 1.39
N GLY A 203 4.11 -22.64 1.47
CA GLY A 203 3.05 -22.76 2.46
C GLY A 203 2.08 -23.89 2.18
N GLU A 204 1.63 -23.99 0.94
CA GLU A 204 0.73 -25.06 0.55
C GLU A 204 1.44 -26.41 0.49
N TYR A 205 2.76 -26.37 0.44
CA TYR A 205 3.56 -27.59 0.48
C TYR A 205 3.58 -28.15 1.89
N LYS A 206 3.74 -27.25 2.86
CA LYS A 206 3.69 -27.63 4.28
C LYS A 206 2.29 -28.07 4.67
N MET A 207 1.30 -27.50 3.99
CA MET A 207 -0.09 -27.82 4.24
C MET A 207 -0.40 -29.23 3.72
N ALA A 208 0.27 -29.62 2.66
CA ALA A 208 0.06 -30.93 2.04
C ALA A 208 0.66 -32.04 2.89
N LEU A 209 1.75 -31.72 3.58
CA LEU A 209 2.41 -32.69 4.44
C LEU A 209 1.61 -32.97 5.71
N LYS A 210 0.91 -31.96 6.20
CA LYS A 210 0.08 -32.10 7.40
C LYS A 210 -1.01 -33.15 7.19
N ASN A 211 -1.48 -33.25 5.94
CA ASN A 211 -2.47 -34.26 5.57
C ASN A 211 -1.92 -35.67 5.81
N LEU A 212 -0.66 -35.87 5.42
CA LEU A 212 0.01 -37.16 5.60
C LEU A 212 0.02 -37.60 7.05
N GLU A 213 0.26 -36.64 7.94
CA GLU A 213 0.25 -36.91 9.37
C GLU A 213 -1.16 -37.31 9.79
N MET A 214 -2.14 -36.60 9.25
CA MET A 214 -3.54 -36.90 9.53
C MET A 214 -3.96 -38.21 8.86
N ILE A 215 -3.54 -38.41 7.62
CA ILE A 215 -3.90 -39.62 6.88
C ILE A 215 -3.26 -40.85 7.54
N SER A 216 -2.01 -40.73 7.97
CA SER A 216 -1.37 -41.80 8.73
C SER A 216 -2.17 -42.06 10.01
N ASP A 217 -2.60 -40.97 10.66
CA ASP A 217 -3.45 -41.07 11.84
C ASP A 217 -4.81 -41.67 11.50
N GLU A 218 -5.33 -41.35 10.31
CA GLU A 218 -6.66 -41.81 9.89
C GLU A 218 -6.64 -43.29 9.52
N ILE A 219 -5.64 -43.71 8.76
CA ILE A 219 -5.51 -45.11 8.35
C ILE A 219 -5.22 -46.00 9.57
N HIS A 220 -4.64 -45.39 10.61
CA HIS A 220 -4.33 -46.10 11.84
C HIS A 220 -5.58 -46.68 12.53
N GLU A 221 -6.66 -45.93 12.53
CA GLU A 221 -7.93 -46.38 13.11
C GLU A 221 -8.48 -47.61 12.39
N ALA A 222 -8.34 -47.62 11.06
CA ALA A 222 -8.77 -48.75 10.24
C ALA A 222 -7.95 -50.00 10.54
N ALA A 223 -6.69 -49.79 10.92
CA ALA A 223 -5.78 -50.90 11.19
C ALA A 223 -6.11 -51.65 12.47
N ALA A 224 -6.71 -50.93 13.41
CA ALA A 224 -7.03 -51.50 14.73
C ALA A 224 -8.12 -52.56 14.66
N SER A 225 -9.00 -52.44 13.65
CA SER A 225 -10.15 -53.33 13.49
C SER A 225 -9.75 -54.80 13.39
N VAL B 3 12.87 40.09 -19.64
CA VAL B 3 11.55 40.07 -19.01
C VAL B 3 10.62 39.11 -19.72
N ASP B 4 10.34 39.40 -20.99
CA ASP B 4 9.47 38.57 -21.82
C ASP B 4 9.97 37.12 -22.01
N PRO B 5 11.29 36.93 -22.22
CA PRO B 5 11.73 35.54 -22.36
C PRO B 5 11.53 34.69 -21.10
N ARG B 6 11.41 35.34 -19.94
CA ARG B 6 11.18 34.60 -18.70
C ARG B 6 9.80 33.96 -18.72
N ILE B 7 8.85 34.63 -19.38
CA ILE B 7 7.46 34.19 -19.37
C ILE B 7 7.21 33.12 -20.43
N GLN B 8 7.78 33.31 -21.63
CA GLN B 8 7.62 32.36 -22.71
C GLN B 8 8.24 31.02 -22.33
N GLY B 9 9.30 31.08 -21.53
CA GLY B 9 9.94 29.88 -21.02
C GLY B 9 9.02 29.14 -20.08
N GLU B 10 8.29 29.87 -19.25
CA GLU B 10 7.30 29.26 -18.37
C GLU B 10 6.13 28.71 -19.18
N LEU B 11 5.84 29.37 -20.30
CA LEU B 11 4.74 28.99 -21.18
C LEU B 11 5.00 27.69 -21.93
N GLU B 12 6.19 27.56 -22.50
CA GLU B 12 6.56 26.37 -23.24
C GLU B 12 6.41 25.12 -22.36
N LYS B 13 6.83 25.25 -21.11
CA LYS B 13 6.72 24.15 -20.15
C LYS B 13 5.25 23.87 -19.82
N LEU B 14 4.46 24.93 -19.70
CA LEU B 14 3.05 24.82 -19.33
C LEU B 14 2.23 24.11 -20.41
N ASN B 15 2.56 24.36 -21.67
CA ASN B 15 1.84 23.73 -22.78
C ASN B 15 2.21 22.25 -22.87
N GLN B 16 3.38 21.90 -22.33
CA GLN B 16 3.80 20.52 -22.24
C GLN B 16 3.09 19.81 -21.08
N SER B 17 2.77 20.58 -20.04
CA SER B 17 2.09 20.04 -18.87
C SER B 17 0.64 19.64 -19.15
N THR B 18 -0.09 20.48 -19.87
CA THR B 18 -1.49 20.22 -20.19
C THR B 18 -1.63 18.96 -21.05
N ASP B 19 -0.57 18.64 -21.79
CA ASP B 19 -0.57 17.45 -22.63
C ASP B 19 -0.42 16.18 -21.79
N ASP B 20 0.46 16.21 -20.81
CA ASP B 20 0.73 15.06 -19.96
C ASP B 20 -0.53 14.61 -19.21
N ILE B 21 -1.30 15.57 -18.70
CA ILE B 21 -2.54 15.26 -18.01
C ILE B 21 -3.53 14.62 -18.99
N ASN B 22 -3.68 15.22 -20.16
CA ASN B 22 -4.56 14.70 -21.21
C ASN B 22 -4.23 13.26 -21.59
N ARG B 23 -2.94 12.93 -21.57
CA ARG B 23 -2.50 11.58 -21.84
C ARG B 23 -2.94 10.63 -20.74
N ARG B 24 -2.61 10.99 -19.50
CA ARG B 24 -2.91 10.15 -18.36
C ARG B 24 -4.41 9.99 -18.13
N GLU B 25 -5.18 11.02 -18.48
CA GLU B 25 -6.63 10.94 -18.39
C GLU B 25 -7.21 9.95 -19.40
N THR B 26 -6.71 10.01 -20.63
CA THR B 26 -7.15 9.07 -21.66
C THR B 26 -6.58 7.69 -21.37
N GLU B 27 -5.41 7.66 -20.74
CA GLU B 27 -4.78 6.41 -20.33
C GLU B 27 -5.56 5.75 -19.19
N LEU B 28 -6.12 6.58 -18.33
CA LEU B 28 -6.94 6.09 -17.23
C LEU B 28 -8.31 5.64 -17.74
N GLU B 29 -8.87 6.39 -18.69
CA GLU B 29 -10.19 6.09 -19.23
C GLU B 29 -10.26 4.71 -19.87
N ASP B 30 -9.22 4.34 -20.62
CA ASP B 30 -9.18 3.02 -21.22
C ASP B 30 -8.90 1.96 -20.16
N ALA B 31 -8.15 2.34 -19.12
CA ALA B 31 -7.83 1.44 -18.01
C ALA B 31 -9.06 1.26 -17.11
N ARG B 32 -9.88 2.30 -17.04
CA ARG B 32 -11.13 2.24 -16.29
C ARG B 32 -12.09 1.27 -16.98
N GLN B 33 -12.31 1.50 -18.26
CA GLN B 33 -13.25 0.70 -19.04
C GLN B 33 -12.76 -0.74 -19.18
N LYS B 34 -11.44 -0.91 -19.20
CA LYS B 34 -10.84 -2.24 -19.28
C LYS B 34 -11.06 -3.01 -17.99
N PHE B 35 -11.14 -2.27 -16.89
CA PHE B 35 -11.42 -2.87 -15.59
C PHE B 35 -12.87 -3.32 -15.52
N ARG B 36 -13.74 -2.55 -16.14
CA ARG B 36 -15.16 -2.89 -16.22
C ARG B 36 -15.41 -4.20 -16.97
N SER B 37 -14.73 -4.38 -18.10
CA SER B 37 -14.94 -5.55 -18.95
C SER B 37 -14.54 -6.86 -18.27
N VAL B 38 -13.35 -6.88 -17.69
CA VAL B 38 -12.85 -8.07 -17.01
C VAL B 38 -13.74 -8.46 -15.82
N LEU B 39 -14.19 -7.44 -15.09
CA LEU B 39 -15.08 -7.66 -13.94
C LEU B 39 -16.40 -8.31 -14.35
N VAL B 40 -17.06 -7.73 -15.34
CA VAL B 40 -18.35 -8.22 -15.81
C VAL B 40 -18.22 -9.59 -16.47
N GLU B 41 -17.12 -9.81 -17.18
CA GLU B 41 -16.89 -11.11 -17.81
C GLU B 41 -16.75 -12.18 -16.74
N ALA B 42 -16.23 -11.79 -15.59
CA ALA B 42 -16.07 -12.73 -14.49
C ALA B 42 -17.42 -13.15 -13.95
N THR B 43 -18.33 -12.19 -13.79
CA THR B 43 -19.60 -12.47 -13.12
C THR B 43 -20.58 -13.21 -14.03
N VAL B 44 -20.45 -13.00 -15.34
CA VAL B 44 -21.25 -13.77 -16.28
C VAL B 44 -20.67 -15.18 -16.35
N LYS B 45 -19.39 -15.30 -16.01
CA LYS B 45 -18.71 -16.59 -15.94
C LYS B 45 -19.01 -17.26 -14.59
N LEU B 46 -18.99 -16.48 -13.52
CA LEU B 46 -19.26 -17.02 -12.20
C LEU B 46 -20.70 -17.51 -12.09
N ASP B 47 -21.63 -16.81 -12.74
CA ASP B 47 -23.04 -17.20 -12.70
C ASP B 47 -23.33 -18.41 -13.59
N GLU B 48 -22.68 -18.50 -14.75
CA GLU B 48 -22.93 -19.61 -15.66
C GLU B 48 -22.40 -20.94 -15.11
N LEU B 49 -21.26 -20.90 -14.41
CA LEU B 49 -20.70 -22.11 -13.81
C LEU B 49 -21.58 -22.60 -12.67
N VAL B 50 -22.15 -21.65 -11.93
CA VAL B 50 -23.09 -21.97 -10.87
C VAL B 50 -24.34 -22.65 -11.44
N LYS B 51 -24.86 -22.11 -12.55
CA LYS B 51 -26.04 -22.67 -13.18
C LYS B 51 -25.80 -24.07 -13.74
N LYS B 52 -24.57 -24.33 -14.18
CA LYS B 52 -24.20 -25.67 -14.62
C LYS B 52 -24.23 -26.66 -13.47
N ILE B 53 -23.43 -26.37 -12.45
CA ILE B 53 -23.35 -27.21 -11.24
C ILE B 53 -23.44 -26.32 -10.01
N GLY B 54 -24.64 -26.23 -9.44
CA GLY B 54 -24.91 -25.34 -8.33
C GLY B 54 -24.81 -25.96 -6.95
N LYS B 55 -25.45 -27.11 -6.77
CA LYS B 55 -25.55 -27.75 -5.47
C LYS B 55 -24.18 -28.09 -4.90
N ALA B 56 -23.24 -28.46 -5.78
CA ALA B 56 -21.89 -28.80 -5.36
C ALA B 56 -21.18 -27.56 -4.79
N VAL B 57 -21.36 -26.44 -5.47
CA VAL B 57 -20.77 -25.16 -5.03
C VAL B 57 -21.26 -24.74 -3.66
N GLU B 58 -22.56 -24.90 -3.43
CA GLU B 58 -23.17 -24.54 -2.15
C GLU B 58 -22.56 -25.32 -0.99
N ASP B 59 -22.43 -26.63 -1.16
CA ASP B 59 -21.86 -27.49 -0.14
C ASP B 59 -20.34 -27.36 -0.06
N SER B 60 -19.73 -26.82 -1.10
CA SER B 60 -18.28 -26.71 -1.16
C SER B 60 -17.76 -25.55 -0.34
N LYS B 61 -18.53 -24.46 -0.29
CA LYS B 61 -18.13 -23.26 0.45
C LYS B 61 -17.83 -23.50 1.94
N PRO B 62 -18.55 -24.43 2.60
CA PRO B 62 -18.12 -24.81 3.94
C PRO B 62 -16.69 -25.36 3.99
N TYR B 63 -16.28 -26.05 2.94
CA TYR B 63 -14.93 -26.62 2.85
C TYR B 63 -13.90 -25.57 2.47
N TRP B 64 -14.20 -24.83 1.40
CA TRP B 64 -13.28 -23.83 0.86
C TRP B 64 -12.99 -22.72 1.86
N GLU B 65 -13.97 -22.42 2.71
CA GLU B 65 -13.78 -21.42 3.76
C GLU B 65 -12.76 -21.92 4.78
N ALA B 66 -12.76 -23.22 5.03
CA ALA B 66 -11.80 -23.83 5.96
C ALA B 66 -10.38 -23.78 5.41
N ARG B 67 -10.25 -23.85 4.09
CA ARG B 67 -8.94 -23.76 3.45
C ARG B 67 -8.34 -22.36 3.54
N ARG B 68 -9.21 -21.34 3.53
CA ARG B 68 -8.74 -19.98 3.78
C ARG B 68 -8.21 -19.92 5.20
N VAL B 69 -8.97 -20.52 6.12
CA VAL B 69 -8.57 -20.58 7.52
C VAL B 69 -7.30 -21.41 7.69
N ALA B 70 -7.21 -22.50 6.93
CA ALA B 70 -6.06 -23.39 7.00
C ALA B 70 -4.76 -22.70 6.62
N ARG B 71 -4.78 -21.97 5.49
CA ARG B 71 -3.58 -21.30 5.02
C ARG B 71 -3.23 -20.09 5.88
N GLN B 72 -4.25 -19.36 6.32
CA GLN B 72 -4.05 -18.14 7.10
C GLN B 72 -3.52 -18.46 8.51
N ALA B 73 -4.09 -19.49 9.13
CA ALA B 73 -3.65 -19.93 10.46
C ALA B 73 -2.25 -20.52 10.36
N GLN B 74 -1.97 -21.17 9.24
CA GLN B 74 -0.65 -21.74 9.01
C GLN B 74 0.44 -20.68 9.01
N LEU B 75 0.17 -19.57 8.32
CA LEU B 75 1.15 -18.50 8.18
C LEU B 75 1.50 -17.87 9.51
N GLU B 76 0.68 -18.13 10.53
CA GLU B 76 1.00 -17.72 11.89
C GLU B 76 2.11 -18.59 12.45
N ALA B 77 2.02 -19.89 12.18
CA ALA B 77 3.03 -20.84 12.64
C ALA B 77 4.36 -20.64 11.92
N GLN B 78 4.30 -20.38 10.62
CA GLN B 78 5.50 -20.10 9.83
C GLN B 78 6.23 -18.90 10.41
N LYS B 79 5.45 -17.97 10.97
CA LYS B 79 6.00 -16.84 11.70
C LYS B 79 6.37 -17.23 13.12
N ALA B 80 5.55 -18.07 13.74
CA ALA B 80 5.73 -18.47 15.15
C ALA B 80 6.99 -19.31 15.37
N THR B 81 7.18 -20.35 14.55
CA THR B 81 8.32 -21.24 14.71
C THR B 81 9.63 -20.49 14.48
N GLN B 82 9.63 -19.58 13.52
CA GLN B 82 10.83 -18.83 13.17
C GLN B 82 11.11 -17.74 14.20
N ASP B 83 10.06 -17.17 14.79
CA ASP B 83 10.20 -16.19 15.85
C ASP B 83 10.68 -16.86 17.13
N PHE B 84 10.43 -18.17 17.24
CA PHE B 84 10.90 -18.97 18.37
C PHE B 84 12.30 -19.48 18.14
N GLN B 85 12.60 -19.79 16.89
CA GLN B 85 13.92 -20.28 16.49
C GLN B 85 15.01 -19.26 16.78
N ARG B 86 14.76 -17.99 16.42
CA ARG B 86 15.70 -16.91 16.74
C ARG B 86 15.82 -16.73 18.25
N ALA B 87 14.71 -16.87 18.95
CA ALA B 87 14.67 -16.69 20.40
C ALA B 87 15.53 -17.74 21.09
N THR B 88 15.57 -18.93 20.51
CA THR B 88 16.42 -19.99 21.03
C THR B 88 17.90 -19.65 20.82
N GLU B 89 18.22 -19.10 19.65
CA GLU B 89 19.58 -18.70 19.34
C GLU B 89 20.05 -17.55 20.21
N VAL B 90 19.17 -16.58 20.42
CA VAL B 90 19.46 -15.44 21.28
C VAL B 90 19.77 -15.92 22.69
N LEU B 91 19.01 -16.91 23.15
CA LEU B 91 19.24 -17.51 24.44
C LEU B 91 20.59 -18.24 24.45
N ARG B 92 20.90 -18.88 23.33
CA ARG B 92 22.12 -19.66 23.18
C ARG B 92 23.38 -18.77 23.08
N ALA B 93 23.30 -17.72 22.28
CA ALA B 93 24.44 -16.83 22.08
C ALA B 93 24.84 -16.10 23.37
N ALA B 94 23.87 -15.85 24.23
CA ALA B 94 24.11 -15.22 25.52
C ALA B 94 24.64 -16.24 26.53
N LYS B 95 24.19 -17.49 26.41
CA LYS B 95 24.66 -18.59 27.25
C LYS B 95 26.14 -18.86 27.05
N GLU B 96 26.61 -18.70 25.82
CA GLU B 96 28.01 -18.92 25.48
C GLU B 96 28.94 -17.95 26.21
N THR B 97 28.59 -16.67 26.17
CA THR B 97 29.38 -15.63 26.81
C THR B 97 29.48 -15.80 28.34
N ILE B 98 28.40 -16.27 28.95
CA ILE B 98 28.38 -16.52 30.39
C ILE B 98 29.28 -17.68 30.78
N SER B 99 29.14 -18.79 30.07
CA SER B 99 29.92 -19.99 30.38
C SER B 99 31.41 -19.72 30.27
N LEU B 100 31.79 -18.94 29.27
CA LEU B 100 33.19 -18.57 29.07
C LEU B 100 33.71 -17.57 30.10
N ALA B 101 32.84 -16.65 30.53
CA ALA B 101 33.23 -15.64 31.51
C ALA B 101 33.47 -16.19 32.91
N GLU B 102 32.67 -17.17 33.31
CA GLU B 102 32.79 -17.77 34.64
C GLU B 102 34.13 -18.48 34.82
N GLN B 103 34.69 -18.97 33.73
CA GLN B 103 35.94 -19.74 33.73
C GLN B 103 37.17 -18.90 34.08
N ARG B 104 37.20 -17.65 33.63
CA ARG B 104 38.35 -16.77 33.88
C ARG B 104 38.34 -16.20 35.30
N LEU B 105 38.89 -16.96 36.23
CA LEU B 105 38.94 -16.57 37.63
C LEU B 105 40.25 -15.86 37.97
N GLN B 112 45.52 -5.57 33.46
CA GLN B 112 44.69 -4.54 32.84
C GLN B 112 43.52 -5.15 32.08
N PHE B 113 43.61 -6.45 31.83
CA PHE B 113 42.62 -7.15 31.03
C PHE B 113 41.46 -7.68 31.88
N ASP B 114 41.73 -7.93 33.16
CA ASP B 114 40.74 -8.51 34.07
C ASP B 114 39.48 -7.64 34.26
N SER B 115 39.68 -6.32 34.32
CA SER B 115 38.58 -5.36 34.47
C SER B 115 37.61 -5.40 33.30
N ALA B 116 38.16 -5.60 32.11
CA ALA B 116 37.37 -5.72 30.88
C ALA B 116 36.45 -6.95 30.90
N TRP B 117 36.94 -8.04 31.51
CA TRP B 117 36.17 -9.28 31.55
C TRP B 117 34.88 -9.11 32.32
N GLN B 118 34.96 -8.43 33.46
CA GLN B 118 33.82 -8.27 34.37
C GLN B 118 32.76 -7.40 33.70
N GLU B 119 33.22 -6.54 32.80
CA GLU B 119 32.35 -5.68 32.01
C GLU B 119 31.47 -6.50 31.05
N MET B 120 32.06 -7.56 30.49
CA MET B 120 31.36 -8.46 29.58
C MET B 120 30.26 -9.24 30.29
N LEU B 121 30.53 -9.62 31.54
CA LEU B 121 29.60 -10.38 32.34
C LEU B 121 28.29 -9.64 32.57
N ASN B 122 28.40 -8.38 32.98
CA ASN B 122 27.24 -7.56 33.29
C ASN B 122 26.27 -7.43 32.11
N HIS B 123 26.82 -7.35 30.89
CA HIS B 123 26.01 -7.26 29.69
C HIS B 123 25.31 -8.57 29.36
N ALA B 124 26.07 -9.67 29.40
CA ALA B 124 25.55 -10.99 29.09
C ALA B 124 24.43 -11.39 30.04
N THR B 125 24.54 -11.00 31.30
CA THR B 125 23.52 -11.29 32.30
C THR B 125 22.26 -10.46 32.05
N GLN B 126 22.41 -9.32 31.37
CA GLN B 126 21.27 -8.51 31.00
C GLN B 126 20.65 -9.01 29.70
N ARG B 127 21.42 -9.77 28.93
CA ARG B 127 20.88 -10.40 27.72
C ARG B 127 20.00 -11.58 28.07
N VAL B 128 20.46 -12.43 28.98
CA VAL B 128 19.76 -13.68 29.29
C VAL B 128 18.41 -13.46 29.98
N MET B 129 18.26 -12.34 30.68
CA MET B 129 16.99 -12.04 31.33
C MET B 129 15.91 -11.76 30.29
N GLU B 130 16.28 -11.04 29.24
CA GLU B 130 15.36 -10.78 28.14
C GLU B 130 15.21 -12.05 27.32
N ALA B 131 16.31 -12.80 27.22
CA ALA B 131 16.35 -14.01 26.41
C ALA B 131 15.51 -15.11 27.05
N GLU B 132 15.66 -15.31 28.36
CA GLU B 132 14.92 -16.34 29.08
C GLU B 132 13.42 -16.10 29.04
N GLN B 133 13.02 -14.83 29.08
CA GLN B 133 11.60 -14.48 29.07
C GLN B 133 11.00 -14.52 27.68
N THR B 134 11.73 -13.98 26.71
CA THR B 134 11.30 -14.03 25.32
C THR B 134 11.30 -15.47 24.81
N LYS B 135 12.14 -16.31 25.42
CA LYS B 135 12.13 -17.74 25.13
C LYS B 135 10.79 -18.32 25.57
N THR B 136 10.46 -18.13 26.85
CA THR B 136 9.23 -18.63 27.42
C THR B 136 8.00 -18.03 26.74
N ARG B 137 8.09 -16.75 26.38
CA ARG B 137 7.00 -16.09 25.66
C ARG B 137 6.77 -16.76 24.31
N SER B 138 7.86 -16.97 23.58
CA SER B 138 7.77 -17.56 22.25
C SER B 138 7.48 -19.06 22.32
N GLU B 139 8.01 -19.72 23.35
CA GLU B 139 7.83 -21.15 23.51
C GLU B 139 6.37 -21.49 23.81
N LEU B 140 5.65 -20.55 24.40
CA LEU B 140 4.24 -20.75 24.71
C LEU B 140 3.36 -20.39 23.51
N VAL B 141 3.73 -19.33 22.78
CA VAL B 141 3.01 -18.95 21.57
C VAL B 141 3.21 -19.99 20.47
N HIS B 142 4.41 -20.57 20.42
CA HIS B 142 4.70 -21.66 19.49
C HIS B 142 3.73 -22.82 19.70
N LYS B 143 3.39 -23.06 20.96
CA LYS B 143 2.46 -24.12 21.33
C LYS B 143 1.02 -23.62 21.16
N GLU B 144 0.79 -22.35 21.47
CA GLU B 144 -0.53 -21.73 21.40
C GLU B 144 -1.10 -21.75 19.98
N THR B 145 -0.30 -21.26 19.03
CA THR B 145 -0.69 -21.20 17.62
C THR B 145 -0.82 -22.60 17.03
N ALA B 146 -0.04 -23.53 17.56
CA ALA B 146 0.02 -24.90 17.07
C ALA B 146 -1.34 -25.61 17.03
N ALA B 147 -2.13 -25.43 18.07
CA ALA B 147 -3.43 -26.09 18.17
C ALA B 147 -4.38 -25.60 17.08
N ARG B 148 -4.30 -24.31 16.79
CA ARG B 148 -5.20 -23.66 15.84
C ARG B 148 -5.17 -24.21 14.40
N TYR B 149 -4.01 -24.60 13.89
CA TYR B 149 -3.97 -25.14 12.54
C TYR B 149 -4.52 -26.57 12.52
N ASN B 150 -4.31 -27.31 13.60
CA ASN B 150 -4.83 -28.67 13.71
C ASN B 150 -6.36 -28.67 13.76
N ALA B 151 -6.93 -27.68 14.44
CA ALA B 151 -8.38 -27.54 14.49
C ALA B 151 -8.92 -27.24 13.10
N ALA B 152 -8.17 -26.44 12.35
CA ALA B 152 -8.55 -26.06 10.99
C ALA B 152 -8.46 -27.26 10.04
N MET B 153 -7.40 -28.05 10.19
CA MET B 153 -7.20 -29.25 9.38
C MET B 153 -8.23 -30.34 9.72
N GLY B 154 -8.49 -30.53 11.01
CA GLY B 154 -9.44 -31.52 11.46
C GLY B 154 -10.82 -31.36 10.86
N ARG B 155 -11.31 -30.12 10.84
CA ARG B 155 -12.58 -29.84 10.19
C ARG B 155 -12.47 -29.99 8.68
N MET B 156 -11.36 -29.52 8.13
CA MET B 156 -11.07 -29.68 6.70
C MET B 156 -11.02 -31.16 6.34
N ARG B 157 -10.32 -31.92 7.16
CA ARG B 157 -10.25 -33.38 7.00
C ARG B 157 -11.64 -33.98 7.08
N GLN B 158 -12.43 -33.52 8.05
CA GLN B 158 -13.81 -33.94 8.20
C GLN B 158 -14.66 -33.54 7.01
N LEU B 159 -14.46 -32.30 6.54
CA LEU B 159 -15.21 -31.77 5.41
C LEU B 159 -14.67 -32.25 4.07
N GLU B 160 -13.46 -32.79 4.08
CA GLU B 160 -12.96 -33.50 2.92
C GLU B 160 -13.79 -34.76 2.75
N LYS B 161 -13.82 -35.58 3.80
CA LYS B 161 -14.50 -36.86 3.79
C LYS B 161 -16.02 -36.74 3.66
N LYS B 162 -16.56 -35.60 4.06
CA LYS B 162 -18.00 -35.39 4.07
C LYS B 162 -18.53 -34.78 2.77
N LEU B 163 -17.64 -34.15 2.02
CA LEU B 163 -18.03 -33.42 0.81
C LEU B 163 -17.06 -33.71 -0.34
N LYS B 164 -16.69 -34.98 -0.49
CA LYS B 164 -15.71 -35.36 -1.51
C LYS B 164 -16.09 -34.97 -2.95
N ARG B 165 -17.32 -35.25 -3.35
CA ARG B 165 -17.75 -34.85 -4.69
C ARG B 165 -17.96 -33.35 -4.83
N ALA B 166 -18.47 -32.73 -3.76
CA ALA B 166 -18.76 -31.30 -3.78
C ALA B 166 -17.52 -30.48 -4.12
N ILE B 167 -16.37 -30.89 -3.60
CA ILE B 167 -15.12 -30.16 -3.85
C ILE B 167 -14.60 -30.46 -5.27
N ASN B 168 -14.96 -31.63 -5.80
CA ASN B 168 -14.52 -32.03 -7.13
C ASN B 168 -15.17 -31.23 -8.26
N LYS B 169 -16.47 -30.99 -8.14
CA LYS B 169 -17.22 -30.25 -9.16
C LYS B 169 -17.03 -28.74 -9.03
N SER B 170 -16.73 -28.30 -7.82
CA SER B 170 -16.54 -26.87 -7.54
C SER B 170 -15.10 -26.44 -7.81
N LYS B 171 -14.24 -27.43 -8.05
CA LYS B 171 -12.82 -27.18 -8.32
C LYS B 171 -12.56 -26.17 -9.45
N PRO B 172 -13.24 -26.32 -10.61
CA PRO B 172 -12.95 -25.32 -11.64
C PRO B 172 -13.50 -23.94 -11.30
N TYR B 173 -14.56 -23.89 -10.48
CA TYR B 173 -15.18 -22.62 -10.12
C TYR B 173 -14.28 -21.76 -9.26
N PHE B 174 -13.85 -22.32 -8.13
CA PHE B 174 -13.05 -21.58 -7.16
C PHE B 174 -11.65 -21.24 -7.67
N GLU B 175 -11.15 -21.99 -8.65
CA GLU B 175 -9.83 -21.71 -9.20
C GLU B 175 -9.89 -20.56 -10.21
N LEU B 176 -10.92 -20.57 -11.06
CA LEU B 176 -11.11 -19.48 -12.03
C LEU B 176 -11.59 -18.21 -11.33
N LYS B 177 -12.30 -18.37 -10.22
CA LYS B 177 -12.67 -17.25 -9.38
C LYS B 177 -11.40 -16.63 -8.79
N ALA B 178 -10.43 -17.49 -8.50
CA ALA B 178 -9.16 -17.06 -7.93
C ALA B 178 -8.27 -16.41 -8.99
N LYS B 179 -8.30 -16.94 -10.21
CA LYS B 179 -7.49 -16.39 -11.30
C LYS B 179 -7.93 -14.97 -11.65
N TYR B 180 -9.22 -14.71 -11.55
CA TYR B 180 -9.74 -13.37 -11.80
C TYR B 180 -9.49 -12.44 -10.62
N TYR B 181 -9.62 -12.98 -9.41
CA TYR B 181 -9.43 -12.17 -8.20
C TYR B 181 -8.03 -11.57 -8.14
N VAL B 182 -7.02 -12.37 -8.46
CA VAL B 182 -5.64 -11.89 -8.44
C VAL B 182 -5.41 -10.98 -9.65
N GLN B 183 -6.17 -11.21 -10.71
CA GLN B 183 -6.09 -10.39 -11.90
C GLN B 183 -6.68 -9.01 -11.65
N LEU B 184 -7.79 -8.97 -10.91
CA LEU B 184 -8.45 -7.71 -10.59
C LEU B 184 -7.63 -6.87 -9.63
N GLU B 185 -7.06 -7.50 -8.60
CA GLU B 185 -6.23 -6.80 -7.64
C GLU B 185 -5.03 -6.13 -8.31
N GLN B 186 -4.51 -6.78 -9.35
CA GLN B 186 -3.40 -6.19 -10.11
C GLN B 186 -3.88 -4.98 -10.90
N LEU B 187 -5.09 -5.07 -11.43
CA LEU B 187 -5.67 -3.97 -12.19
C LEU B 187 -6.03 -2.81 -11.27
N LYS B 188 -6.66 -3.14 -10.15
CA LYS B 188 -7.00 -2.15 -9.14
C LYS B 188 -5.79 -1.35 -8.69
N LYS B 189 -4.66 -2.03 -8.49
CA LYS B 189 -3.43 -1.36 -8.08
C LYS B 189 -2.93 -0.40 -9.15
N THR B 190 -3.10 -0.79 -10.40
CA THR B 190 -2.67 0.02 -11.53
C THR B 190 -3.55 1.25 -11.72
N VAL B 191 -4.84 1.10 -11.45
CA VAL B 191 -5.78 2.20 -11.61
C VAL B 191 -5.64 3.21 -10.46
N ASP B 192 -5.55 2.71 -9.24
CA ASP B 192 -5.50 3.56 -8.06
C ASP B 192 -4.26 4.46 -8.01
N ASP B 193 -3.09 3.90 -8.32
CA ASP B 193 -1.85 4.66 -8.26
C ASP B 193 -1.70 5.60 -9.46
N LEU B 194 -2.25 5.20 -10.60
CA LEU B 194 -2.26 6.06 -11.77
C LEU B 194 -3.09 7.29 -11.47
N GLN B 195 -4.19 7.08 -10.74
CA GLN B 195 -5.02 8.17 -10.27
C GLN B 195 -4.20 9.12 -9.40
N ALA B 196 -3.34 8.52 -8.56
CA ALA B 196 -2.46 9.29 -7.69
C ALA B 196 -1.36 9.99 -8.49
N LYS B 197 -0.76 9.27 -9.43
CA LYS B 197 0.28 9.85 -10.28
C LYS B 197 -0.28 10.92 -11.19
N LEU B 198 -1.58 10.86 -11.45
CA LEU B 198 -2.26 11.91 -12.18
C LEU B 198 -2.24 13.18 -11.36
N THR B 199 -2.56 13.04 -10.08
CA THR B 199 -2.66 14.18 -9.17
C THR B 199 -1.27 14.79 -8.89
N LEU B 200 -0.23 13.97 -9.03
CA LEU B 200 1.14 14.43 -8.86
C LEU B 200 1.54 15.37 -9.99
N ALA B 201 0.92 15.16 -11.16
CA ALA B 201 1.13 16.03 -12.31
C ALA B 201 0.43 17.36 -12.08
N LYS B 202 -0.80 17.29 -11.56
CA LYS B 202 -1.57 18.48 -11.21
C LYS B 202 -0.91 19.25 -10.07
N GLY B 203 -0.13 18.55 -9.25
CA GLY B 203 0.63 19.18 -8.19
C GLY B 203 1.73 20.03 -8.79
N GLU B 204 2.47 19.47 -9.74
CA GLU B 204 3.51 20.21 -10.45
C GLU B 204 2.90 21.22 -11.41
N TYR B 205 1.62 21.05 -11.74
CA TYR B 205 0.90 21.98 -12.61
C TYR B 205 0.46 23.28 -11.93
N LYS B 206 -0.08 23.16 -10.71
CA LYS B 206 -0.45 24.32 -9.90
C LYS B 206 0.81 25.07 -9.45
N MET B 207 1.90 24.34 -9.30
CA MET B 207 3.17 24.90 -8.88
C MET B 207 3.74 25.79 -9.97
N ALA B 208 3.51 25.42 -11.22
CA ALA B 208 4.01 26.18 -12.36
C ALA B 208 3.19 27.44 -12.62
N LEU B 209 1.89 27.37 -12.36
CA LEU B 209 1.01 28.53 -12.54
C LEU B 209 1.22 29.59 -11.46
N LYS B 210 1.55 29.13 -10.26
CA LYS B 210 1.78 30.02 -9.13
C LYS B 210 2.94 30.96 -9.41
N ASN B 211 3.90 30.50 -10.21
CA ASN B 211 5.02 31.32 -10.63
C ASN B 211 4.58 32.59 -11.35
N LEU B 212 3.60 32.44 -12.23
CA LEU B 212 3.07 33.56 -12.99
C LEU B 212 2.51 34.65 -12.09
N GLU B 213 1.83 34.24 -11.01
CA GLU B 213 1.33 35.21 -10.04
C GLU B 213 2.49 35.92 -9.35
N MET B 214 3.53 35.14 -9.03
CA MET B 214 4.72 35.69 -8.39
C MET B 214 5.50 36.57 -9.35
N ILE B 215 5.62 36.12 -10.61
CA ILE B 215 6.36 36.85 -11.62
C ILE B 215 5.69 38.19 -11.96
N SER B 216 4.37 38.16 -12.07
CA SER B 216 3.59 39.39 -12.27
C SER B 216 3.83 40.37 -11.13
N ASP B 217 3.88 39.84 -9.92
CA ASP B 217 4.18 40.62 -8.73
C ASP B 217 5.60 41.19 -8.83
N GLU B 218 6.50 40.42 -9.43
CA GLU B 218 7.90 40.81 -9.56
C GLU B 218 8.14 41.90 -10.58
N ILE B 219 7.50 41.79 -11.74
CA ILE B 219 7.67 42.78 -12.80
C ILE B 219 7.08 44.13 -12.36
N HIS B 220 6.10 44.07 -11.47
CA HIS B 220 5.49 45.28 -10.91
C HIS B 220 6.52 46.08 -10.12
N GLU B 221 7.39 45.38 -9.40
CA GLU B 221 8.44 46.02 -8.63
C GLU B 221 9.35 46.81 -9.58
N ALA B 222 9.59 46.25 -10.76
CA ALA B 222 10.40 46.91 -11.78
C ALA B 222 9.73 48.19 -12.29
N ALA B 223 8.40 48.24 -12.22
CA ALA B 223 7.65 49.40 -12.71
C ALA B 223 7.91 50.63 -11.84
N ALA B 224 8.36 50.40 -10.62
CA ALA B 224 8.69 51.49 -9.70
C ALA B 224 9.87 52.29 -10.24
#